data_6ECD
#
_entry.id   6ECD
#
_cell.length_a   152.298
_cell.length_b   152.298
_cell.length_c   152.298
_cell.angle_alpha   90.000
_cell.angle_beta   90.000
_cell.angle_gamma   90.000
#
_symmetry.space_group_name_H-M   'P 4 3 2'
#
loop_
_entity.id
_entity.type
_entity.pdbx_description
1 polymer Vlm2
2 polymer tetradepsipeptide
3 water water
#
loop_
_entity_poly.entity_id
_entity_poly.type
_entity_poly.pdbx_seq_one_letter_code
_entity_poly.pdbx_strand_id
1 'polypeptide(L)'
;MHHHHHHHHENLYFQGGSSTAGDPTAKLVRLNPRGGDGPGIVFAPPAGGTVLGYIELARHLKGFGEIHGVEAPGLGAGET
PVYPSFEEMVQFCSDSAAGVAGDGVYIGGH(DPP)LGGHIAFYLATMLLDRGIRPKGLIILDTPPRLGDIPVADADLTEE
ETKVFILAMGIGGMLDQDRDALKDLPYEEAKQLLLDRAKNDPRVSAFLSEDYLDRFLRLQMHQLMYSRDVVLPQRKLDIP
IHVFRTKNHAPEVARLFSAWENYAAGEVTFVDIPGDHATMLRAPHVSEVAQLLDRHCGLPSDDGPRG
;
A
2 'polypeptide(L)' (VAD)(DVA)(2OP)V B
#
loop_
_chem_comp.id
_chem_comp.type
_chem_comp.name
_chem_comp.formula
2OP non-polymer '(2S)-2-HYDROXYPROPANOIC ACID' 'C3 H6 O3'
#
# COMPACT_ATOMS: atom_id res chain seq x y z
N ASP A 23 -23.81 2.71 -3.20
CA ASP A 23 -23.68 1.45 -3.95
C ASP A 23 -22.22 0.96 -4.07
N PRO A 24 -21.27 1.83 -4.44
CA PRO A 24 -19.86 1.38 -4.67
C PRO A 24 -19.16 1.08 -3.35
N THR A 25 -18.28 0.10 -3.36
CA THR A 25 -17.52 -0.22 -2.15
C THR A 25 -16.15 -0.70 -2.56
N ALA A 26 -15.19 -0.53 -1.68
CA ALA A 26 -13.90 -1.15 -1.87
C ALA A 26 -14.02 -2.65 -1.54
N LYS A 27 -13.06 -3.43 -1.98
CA LYS A 27 -13.11 -4.88 -1.83
C LYS A 27 -11.92 -5.30 -0.99
N LEU A 28 -12.19 -6.11 0.05
CA LEU A 28 -11.11 -6.68 0.85
C LEU A 28 -10.64 -7.97 0.16
N VAL A 29 -9.37 -8.04 -0.23
CA VAL A 29 -8.80 -9.15 -1.00
C VAL A 29 -7.78 -9.90 -0.14
N ARG A 30 -7.92 -11.19 -0.02
CA ARG A 30 -6.92 -11.99 0.71
C ARG A 30 -5.64 -12.16 -0.11
N LEU A 31 -4.49 -11.85 0.48
CA LEU A 31 -3.24 -11.92 -0.28
C LEU A 31 -2.36 -13.14 0.05
N ASN A 32 -2.60 -13.84 1.12
CA ASN A 32 -1.83 -15.04 1.42
C ASN A 32 -2.73 -16.20 1.78
N PRO A 33 -2.20 -17.44 1.76
CA PRO A 33 -2.95 -18.66 2.14
C PRO A 33 -3.56 -18.65 3.54
N GLY A 36 -2.11 -19.55 8.63
CA GLY A 36 -0.94 -18.97 9.29
C GLY A 36 -1.23 -18.41 10.67
N ASP A 37 -0.23 -18.44 11.53
CA ASP A 37 -0.32 -17.81 12.83
C ASP A 37 0.39 -16.46 12.78
N GLY A 38 0.02 -15.59 13.70
CA GLY A 38 0.67 -14.32 13.85
C GLY A 38 -0.29 -13.20 13.55
N PRO A 39 0.15 -11.97 13.75
CA PRO A 39 -0.73 -10.80 13.52
C PRO A 39 -1.12 -10.67 12.06
N GLY A 40 -2.24 -9.92 11.80
CA GLY A 40 -2.64 -9.67 10.44
C GLY A 40 -2.07 -8.37 9.91
N ILE A 41 -2.23 -8.17 8.59
CA ILE A 41 -1.99 -6.83 8.02
C ILE A 41 -3.04 -6.57 6.97
N VAL A 42 -3.56 -5.34 6.98
CA VAL A 42 -4.41 -4.84 5.92
C VAL A 42 -3.63 -3.73 5.19
N PHE A 43 -3.32 -3.95 3.92
CA PHE A 43 -2.63 -2.96 3.14
C PHE A 43 -3.60 -2.05 2.36
N ALA A 44 -3.33 -0.73 2.37
CA ALA A 44 -4.06 0.25 1.56
C ALA A 44 -3.36 0.38 0.23
N PRO A 45 -4.08 0.61 -0.87
CA PRO A 45 -3.44 0.61 -2.17
C PRO A 45 -2.76 1.93 -2.51
N PRO A 46 -1.69 1.85 -3.29
CA PRO A 46 -1.05 3.07 -3.85
C PRO A 46 -1.86 3.64 -4.99
N ALA A 47 -1.38 4.71 -5.62
CA ALA A 47 -2.12 5.37 -6.72
C ALA A 47 -2.53 4.33 -7.75
N GLY A 48 -3.78 4.30 -8.10
CA GLY A 48 -4.30 3.30 -9.03
C GLY A 48 -5.20 2.29 -8.36
N GLY A 49 -5.11 2.20 -7.02
CA GLY A 49 -6.07 1.43 -6.27
C GLY A 49 -5.97 -0.08 -6.27
N THR A 50 -4.91 -0.68 -6.83
CA THR A 50 -4.76 -2.12 -6.89
C THR A 50 -3.94 -2.62 -5.70
N VAL A 51 -4.19 -3.86 -5.29
CA VAL A 51 -3.40 -4.57 -4.29
C VAL A 51 -2.30 -5.43 -4.90
N LEU A 52 -2.22 -5.50 -6.21
CA LEU A 52 -1.35 -6.53 -6.78
C LEU A 52 0.12 -6.24 -6.54
N GLY A 53 0.50 -5.00 -6.28
CA GLY A 53 1.83 -4.63 -5.86
C GLY A 53 2.28 -5.24 -4.54
N TYR A 54 1.36 -5.74 -3.71
CA TYR A 54 1.72 -6.35 -2.43
C TYR A 54 1.84 -7.88 -2.47
N ILE A 55 1.52 -8.52 -3.60
CA ILE A 55 1.43 -9.98 -3.63
C ILE A 55 2.77 -10.62 -3.32
N GLU A 56 3.86 -10.08 -3.88
CA GLU A 56 5.15 -10.74 -3.69
C GLU A 56 5.58 -10.58 -2.23
N LEU A 57 5.33 -9.40 -1.66
CA LEU A 57 5.64 -9.21 -0.26
C LEU A 57 4.85 -10.18 0.57
N ALA A 58 3.55 -10.27 0.28
CA ALA A 58 2.74 -11.14 1.10
C ALA A 58 3.22 -12.59 1.02
N ARG A 59 3.68 -13.04 -0.14
CA ARG A 59 4.12 -14.43 -0.28
C ARG A 59 5.40 -14.70 0.50
N HIS A 60 6.22 -13.69 0.74
CA HIS A 60 7.49 -13.90 1.44
C HIS A 60 7.35 -13.79 2.94
N LEU A 61 6.27 -13.16 3.45
CA LEU A 61 6.15 -12.98 4.92
C LEU A 61 5.92 -14.32 5.57
N LYS A 62 6.61 -14.55 6.69
CA LYS A 62 6.43 -15.80 7.43
C LYS A 62 5.89 -15.58 8.83
N GLY A 63 6.01 -14.38 9.38
CA GLY A 63 5.58 -14.17 10.74
C GLY A 63 4.19 -13.60 10.93
N PHE A 64 3.34 -13.65 9.88
CA PHE A 64 2.02 -13.02 9.90
C PHE A 64 0.91 -14.03 9.64
N GLY A 65 -0.28 -13.74 10.19
CA GLY A 65 -1.41 -14.60 9.91
C GLY A 65 -2.10 -14.22 8.60
N GLU A 66 -3.20 -13.50 8.71
CA GLU A 66 -4.01 -13.12 7.55
C GLU A 66 -3.50 -11.80 6.98
N ILE A 67 -3.23 -11.78 5.70
CA ILE A 67 -2.77 -10.58 5.02
C ILE A 67 -3.81 -10.25 3.98
N HIS A 68 -4.37 -9.06 4.06
CA HIS A 68 -5.36 -8.56 3.12
C HIS A 68 -4.84 -7.27 2.47
N GLY A 69 -5.38 -6.96 1.29
CA GLY A 69 -5.28 -5.61 0.75
C GLY A 69 -6.69 -5.12 0.41
N VAL A 70 -6.87 -3.80 0.43
CA VAL A 70 -8.12 -3.17 0.01
C VAL A 70 -7.96 -2.75 -1.45
N GLU A 71 -8.86 -3.24 -2.30
CA GLU A 71 -8.89 -2.86 -3.72
C GLU A 71 -9.90 -1.72 -3.91
N ALA A 72 -9.49 -0.65 -4.62
CA ALA A 72 -10.38 0.51 -4.78
C ALA A 72 -11.66 0.08 -5.48
N PRO A 73 -12.75 0.78 -5.26
CA PRO A 73 -13.95 0.51 -6.06
C PRO A 73 -13.74 0.80 -7.52
N GLY A 74 -14.50 0.13 -8.36
CA GLY A 74 -14.55 0.46 -9.76
C GLY A 74 -13.52 -0.21 -10.62
N LEU A 75 -12.64 -1.05 -10.06
CA LEU A 75 -11.66 -1.77 -10.88
C LEU A 75 -12.19 -3.08 -11.45
N GLY A 76 -13.30 -3.62 -10.92
CA GLY A 76 -13.96 -4.84 -11.43
C GLY A 76 -14.64 -4.81 -12.79
N GLU A 79 -18.39 -3.01 -13.53
CA GLU A 79 -18.49 -2.03 -12.43
C GLU A 79 -18.40 -0.60 -12.94
N THR A 80 -19.06 0.30 -12.25
CA THR A 80 -18.94 1.70 -12.56
C THR A 80 -17.57 2.17 -12.07
N PRO A 81 -16.75 2.77 -12.93
CA PRO A 81 -15.52 3.40 -12.43
C PRO A 81 -15.81 4.48 -11.43
N VAL A 82 -14.90 4.64 -10.49
CA VAL A 82 -15.04 5.61 -9.43
C VAL A 82 -13.73 6.37 -9.32
N TYR A 83 -13.80 7.68 -9.24
CA TYR A 83 -12.63 8.56 -9.04
C TYR A 83 -12.82 9.33 -7.74
N PRO A 84 -12.46 8.73 -6.62
CA PRO A 84 -12.75 9.34 -5.33
C PRO A 84 -11.76 10.44 -5.02
N SER A 85 -12.20 11.40 -4.19
CA SER A 85 -11.29 12.33 -3.53
C SER A 85 -10.42 11.51 -2.53
N PHE A 86 -9.34 12.11 -2.03
CA PHE A 86 -8.51 11.39 -1.03
C PHE A 86 -9.33 10.99 0.20
N GLU A 87 -10.14 11.94 0.71
CA GLU A 87 -10.98 11.61 1.86
C GLU A 87 -12.01 10.52 1.57
N GLU A 88 -12.60 10.51 0.37
CA GLU A 88 -13.54 9.48 0.01
C GLU A 88 -12.86 8.12 -0.11
N MET A 89 -11.64 8.13 -0.64
CA MET A 89 -10.87 6.88 -0.73
C MET A 89 -10.60 6.33 0.67
N VAL A 90 -10.24 7.23 1.60
CA VAL A 90 -10.00 6.80 2.97
C VAL A 90 -11.24 6.17 3.55
N GLN A 91 -12.40 6.82 3.31
CA GLN A 91 -13.69 6.29 3.77
C GLN A 91 -13.96 4.91 3.19
N PHE A 92 -13.75 4.71 1.86
CA PHE A 92 -13.96 3.39 1.28
C PHE A 92 -13.07 2.34 1.95
N CYS A 93 -11.81 2.69 2.16
CA CYS A 93 -10.83 1.75 2.66
C CYS A 93 -11.11 1.43 4.14
N SER A 94 -11.53 2.42 4.88
CA SER A 94 -11.82 2.23 6.30
CA SER A 94 -11.81 2.21 6.29
C SER A 94 -13.00 1.29 6.46
N ASP A 95 -14.04 1.53 5.70
CA ASP A 95 -15.20 0.68 5.78
C ASP A 95 -14.85 -0.74 5.41
N SER A 96 -14.01 -0.93 4.41
CA SER A 96 -13.65 -2.30 4.03
C SER A 96 -12.71 -2.95 5.06
N ALA A 97 -11.74 -2.23 5.59
CA ALA A 97 -10.80 -2.81 6.54
C ALA A 97 -11.47 -3.10 7.88
N ALA A 98 -12.49 -2.32 8.24
CA ALA A 98 -13.11 -2.43 9.55
C ALA A 98 -13.67 -3.83 9.78
N GLY A 99 -13.94 -4.59 8.73
CA GLY A 99 -14.40 -5.97 8.92
C GLY A 99 -13.37 -6.91 9.53
N VAL A 100 -12.09 -6.60 9.39
CA VAL A 100 -11.06 -7.46 9.95
C VAL A 100 -10.17 -6.73 10.92
N ALA A 101 -10.18 -5.42 10.94
CA ALA A 101 -9.19 -4.68 11.73
C ALA A 101 -9.49 -4.67 13.23
N GLY A 102 -8.50 -4.36 14.01
CA GLY A 102 -8.61 -4.36 15.47
C GLY A 102 -7.38 -5.01 16.07
N ASP A 103 -7.57 -5.54 17.29
CA ASP A 103 -6.48 -6.15 18.06
C ASP A 103 -5.80 -7.19 17.19
N GLY A 104 -4.48 -7.11 17.08
CA GLY A 104 -3.69 -8.11 16.33
C GLY A 104 -3.55 -7.86 14.84
N VAL A 105 -3.94 -6.67 14.34
CA VAL A 105 -3.99 -6.43 12.90
C VAL A 105 -3.36 -5.07 12.63
N TYR A 106 -2.29 -5.06 11.84
CA TYR A 106 -1.68 -3.82 11.39
C TYR A 106 -2.42 -3.25 10.21
N ILE A 107 -2.25 -1.94 10.03
CA ILE A 107 -2.58 -1.30 8.78
C ILE A 107 -1.26 -0.89 8.12
N GLY A 108 -1.16 -1.07 6.81
CA GLY A 108 0.09 -0.79 6.13
C GLY A 108 -0.11 -0.17 4.77
N GLY A 109 0.96 0.46 4.27
CA GLY A 109 0.91 0.98 2.91
C GLY A 109 2.24 1.45 2.33
N HIS A 110 2.33 1.39 0.99
CA HIS A 110 3.49 1.85 0.25
C HIS A 110 3.08 3.09 -0.59
N DPP A 111 3.99 4.04 -0.76
CA DPP A 111 3.70 5.21 -1.63
C DPP A 111 2.44 5.91 -1.09
O DPP A 111 2.26 6.12 0.11
CB DPP A 111 3.61 4.79 -3.14
NG DPP A 111 3.65 5.87 -4.15
HA DPP A 111 4.49 6.02 -1.64
HB2 DPP A 111 2.65 4.20 -3.23
HB3 DPP A 111 4.46 4.06 -3.31
HG1 DPP A 111 4.32 6.43 -4.10
N LEU A 112 1.53 6.24 -1.98
CA LEU A 112 0.30 6.94 -1.56
C LEU A 112 -0.52 6.01 -0.59
N GLY A 113 -0.33 4.70 -0.74
CA GLY A 113 -0.91 3.79 0.21
C GLY A 113 -0.51 4.03 1.66
N GLY A 114 0.70 4.56 1.88
CA GLY A 114 1.11 4.94 3.23
C GLY A 114 0.27 6.08 3.81
N HIS A 115 -0.02 7.11 3.00
CA HIS A 115 -0.88 8.19 3.49
C HIS A 115 -2.29 7.71 3.69
N ILE A 116 -2.79 6.91 2.76
CA ILE A 116 -4.14 6.38 2.97
C ILE A 116 -4.17 5.52 4.24
N ALA A 117 -3.13 4.72 4.46
CA ALA A 117 -3.10 3.88 5.65
C ALA A 117 -3.07 4.71 6.93
N PHE A 118 -2.35 5.81 6.94
CA PHE A 118 -2.32 6.65 8.13
C PHE A 118 -3.71 7.21 8.45
N TYR A 119 -4.39 7.73 7.41
CA TYR A 119 -5.73 8.28 7.61
C TYR A 119 -6.77 7.20 7.89
N LEU A 120 -6.59 6.03 7.26
CA LEU A 120 -7.46 4.89 7.56
C LEU A 120 -7.34 4.48 9.03
N ALA A 121 -6.11 4.36 9.51
CA ALA A 121 -5.92 4.06 10.94
C ALA A 121 -6.55 5.11 11.82
N THR A 122 -6.43 6.40 11.48
CA THR A 122 -7.04 7.43 12.30
C THR A 122 -8.56 7.30 12.30
N MET A 123 -9.15 6.98 11.13
CA MET A 123 -10.61 6.82 11.10
C MET A 123 -11.05 5.59 11.90
N LEU A 124 -10.32 4.47 11.82
CA LEU A 124 -10.67 3.32 12.66
C LEU A 124 -10.60 3.66 14.15
N LEU A 125 -9.52 4.33 14.59
CA LEU A 125 -9.51 4.77 16.01
C LEU A 125 -10.75 5.59 16.42
N ASP A 126 -11.12 6.56 15.58
CA ASP A 126 -12.28 7.41 15.82
C ASP A 126 -13.58 6.61 15.95
N ARG A 127 -13.64 5.46 15.30
CA ARG A 127 -14.77 4.55 15.37
C ARG A 127 -14.66 3.51 16.49
N GLY A 128 -13.63 3.54 17.33
CA GLY A 128 -13.51 2.54 18.39
C GLY A 128 -12.94 1.23 17.92
N ILE A 129 -12.06 1.27 16.90
CA ILE A 129 -11.34 0.09 16.42
C ILE A 129 -9.87 0.42 16.50
N ARG A 130 -9.10 -0.41 17.21
CA ARG A 130 -7.70 -0.07 17.42
C ARG A 130 -6.77 -1.09 16.75
N PRO A 131 -6.17 -0.72 15.61
CA PRO A 131 -5.18 -1.61 14.99
C PRO A 131 -3.95 -1.76 15.89
N LYS A 132 -3.15 -2.78 15.61
CA LYS A 132 -1.94 -3.02 16.40
C LYS A 132 -0.87 -2.00 16.10
N GLY A 133 -0.86 -1.47 14.88
CA GLY A 133 0.10 -0.42 14.56
C GLY A 133 -0.04 -0.07 13.08
N LEU A 134 0.78 0.90 12.67
CA LEU A 134 0.84 1.37 11.30
C LEU A 134 2.20 1.04 10.71
N ILE A 135 2.22 0.39 9.56
CA ILE A 135 3.44 0.04 8.84
C ILE A 135 3.55 0.92 7.61
N ILE A 136 4.53 1.80 7.57
CA ILE A 136 4.78 2.65 6.43
C ILE A 136 5.95 2.08 5.63
N LEU A 137 5.73 1.82 4.33
CA LEU A 137 6.76 1.34 3.42
C LEU A 137 7.29 2.49 2.55
N ASP A 138 8.42 3.03 2.98
CA ASP A 138 9.32 3.88 2.22
C ASP A 138 8.68 5.13 1.66
N THR A 139 7.79 5.75 2.45
CA THR A 139 7.37 7.06 2.02
C THR A 139 7.43 8.01 3.22
N PRO A 140 7.92 9.22 3.03
CA PRO A 140 7.78 10.27 4.07
C PRO A 140 6.35 10.79 4.14
N PRO A 141 6.02 11.51 5.19
CA PRO A 141 4.70 12.15 5.23
C PRO A 141 4.47 13.18 4.16
N ARG A 142 5.49 13.94 3.81
CA ARG A 142 5.43 15.01 2.80
C ARG A 142 5.71 14.34 1.47
N LEU A 143 4.68 14.28 0.62
CA LEU A 143 4.76 13.38 -0.54
C LEU A 143 5.27 14.02 -1.83
N LYS A 159 3.47 9.39 -18.85
CA LYS A 159 2.35 8.74 -19.55
C LYS A 159 2.74 7.27 -19.71
N VAL A 160 3.40 6.94 -20.83
CA VAL A 160 3.99 5.61 -20.93
C VAL A 160 5.05 5.41 -19.84
N PHE A 161 5.67 6.50 -19.37
CA PHE A 161 6.61 6.39 -18.24
C PHE A 161 5.89 6.02 -16.95
N ILE A 162 4.65 6.49 -16.76
CA ILE A 162 3.90 6.11 -15.56
C ILE A 162 3.56 4.62 -15.62
N LEU A 163 3.12 4.11 -16.79
CA LEU A 163 2.81 2.68 -16.91
C LEU A 163 4.03 1.86 -16.56
N ALA A 164 5.16 2.16 -17.20
CA ALA A 164 6.38 1.42 -16.97
C ALA A 164 6.91 1.62 -15.55
N MET A 165 6.85 2.84 -15.04
CA MET A 165 7.32 3.09 -13.68
C MET A 165 6.49 2.32 -12.65
N GLY A 166 5.17 2.42 -12.73
CA GLY A 166 4.26 1.83 -11.74
C GLY A 166 3.87 0.38 -12.01
N ILE A 167 2.82 0.11 -12.80
CA ILE A 167 2.38 -1.27 -13.00
C ILE A 167 3.45 -2.10 -13.69
N GLY A 168 4.32 -1.45 -14.47
CA GLY A 168 5.41 -2.16 -15.13
C GLY A 168 6.43 -2.71 -14.16
N GLY A 169 6.71 -1.98 -13.08
CA GLY A 169 7.55 -2.52 -12.01
C GLY A 169 6.86 -3.61 -11.21
N MET A 170 5.58 -3.41 -10.87
CA MET A 170 4.82 -4.44 -10.19
C MET A 170 4.76 -5.77 -10.97
N LEU A 171 4.99 -5.76 -12.28
CA LEU A 171 5.02 -6.98 -13.07
C LEU A 171 6.43 -7.27 -13.58
N ASP A 172 7.46 -6.77 -12.88
CA ASP A 172 8.87 -7.08 -13.10
C ASP A 172 9.24 -7.05 -14.59
N GLN A 173 8.86 -5.97 -15.26
CA GLN A 173 9.15 -5.80 -16.69
C GLN A 173 10.16 -4.66 -16.88
N GLU A 184 -0.01 2.01 -26.35
CA GLU A 184 -0.91 0.89 -26.68
C GLU A 184 -0.10 -0.39 -26.85
N GLU A 185 1.15 -0.21 -27.26
CA GLU A 185 2.06 -1.36 -27.36
C GLU A 185 2.55 -1.76 -25.97
N ALA A 186 3.01 -0.77 -25.18
CA ALA A 186 3.42 -1.05 -23.82
C ALA A 186 2.36 -1.84 -23.06
N LYS A 187 1.08 -1.48 -23.23
CA LYS A 187 0.01 -2.17 -22.53
C LYS A 187 -0.07 -3.64 -22.91
N GLN A 188 0.18 -3.97 -24.18
CA GLN A 188 0.04 -5.36 -24.60
C GLN A 188 1.19 -6.24 -24.10
N LEU A 189 2.39 -5.65 -23.98
CA LEU A 189 3.51 -6.37 -23.37
C LEU A 189 3.21 -6.70 -21.92
N LEU A 190 2.51 -5.79 -21.22
CA LEU A 190 2.09 -6.04 -19.85
C LEU A 190 1.00 -7.12 -19.80
N LEU A 191 0.01 -7.07 -20.68
CA LEU A 191 -1.05 -8.09 -20.68
C LEU A 191 -0.52 -9.44 -21.17
N ASP A 192 0.46 -9.47 -22.09
CA ASP A 192 1.08 -10.73 -22.49
C ASP A 192 2.00 -11.27 -21.38
N ARG A 193 2.59 -10.40 -20.55
CA ARG A 193 3.31 -10.89 -19.38
C ARG A 193 2.35 -11.42 -18.32
N ALA A 194 1.17 -10.80 -18.17
CA ALA A 194 0.21 -11.19 -17.15
C ALA A 194 -0.68 -12.35 -17.58
N LYS A 195 -0.75 -12.59 -18.90
CA LYS A 195 -1.65 -13.61 -19.45
C LYS A 195 -1.49 -14.93 -18.73
N ASN A 196 -0.25 -15.41 -18.58
CA ASN A 196 0.02 -16.73 -18.02
C ASN A 196 0.65 -16.69 -16.63
N ASP A 197 0.92 -15.51 -16.09
CA ASP A 197 1.47 -15.37 -14.74
C ASP A 197 0.40 -15.70 -13.71
N PRO A 198 0.48 -16.83 -13.00
CA PRO A 198 -0.63 -17.21 -12.11
C PRO A 198 -0.83 -16.27 -10.92
N ARG A 199 0.13 -15.41 -10.59
CA ARG A 199 -0.07 -14.53 -9.44
C ARG A 199 -1.10 -13.42 -9.73
N VAL A 200 -1.34 -13.05 -11.00
CA VAL A 200 -2.24 -11.95 -11.33
C VAL A 200 -3.20 -12.30 -12.47
N SER A 201 -2.97 -13.42 -13.16
CA SER A 201 -3.76 -13.74 -14.34
C SER A 201 -5.25 -13.82 -14.02
N ALA A 202 -5.62 -14.08 -12.76
CA ALA A 202 -7.03 -14.19 -12.43
C ALA A 202 -7.81 -12.93 -12.83
N PHE A 203 -7.24 -11.75 -12.58
CA PHE A 203 -7.97 -10.51 -12.69
C PHE A 203 -7.38 -9.47 -13.63
N LEU A 204 -6.09 -9.57 -13.94
CA LEU A 204 -5.43 -8.49 -14.67
C LEU A 204 -5.69 -8.62 -16.18
N SER A 205 -6.93 -8.32 -16.54
CA SER A 205 -7.38 -8.29 -17.92
C SER A 205 -7.01 -6.97 -18.57
N GLU A 206 -7.34 -6.86 -19.87
CA GLU A 206 -7.23 -5.59 -20.60
C GLU A 206 -8.03 -4.50 -19.91
N ASP A 207 -9.23 -4.83 -19.48
CA ASP A 207 -10.11 -3.82 -18.87
C ASP A 207 -9.58 -3.38 -17.50
N TYR A 208 -9.06 -4.31 -16.70
CA TYR A 208 -8.53 -3.96 -15.39
C TYR A 208 -7.37 -2.99 -15.54
N LEU A 209 -6.52 -3.23 -16.51
CA LEU A 209 -5.35 -2.38 -16.66
C LEU A 209 -5.77 -0.97 -17.03
N ASP A 210 -6.74 -0.85 -17.94
CA ASP A 210 -7.24 0.47 -18.32
C ASP A 210 -7.78 1.20 -17.11
N ARG A 211 -8.57 0.51 -16.28
CA ARG A 211 -9.17 1.18 -15.13
C ARG A 211 -8.12 1.59 -14.10
N PHE A 212 -7.13 0.72 -13.92
CA PHE A 212 -6.02 1.03 -13.06
C PHE A 212 -5.31 2.29 -13.53
N LEU A 213 -4.98 2.37 -14.83
CA LEU A 213 -4.20 3.51 -15.27
C LEU A 213 -4.98 4.81 -15.15
N ARG A 214 -6.29 4.78 -15.42
N ARG A 214 -6.29 4.79 -15.44
CA ARG A 214 -7.09 6.00 -15.27
CA ARG A 214 -7.07 6.00 -15.26
C ARG A 214 -7.20 6.42 -13.80
C ARG A 214 -7.17 6.41 -13.79
N LEU A 215 -7.41 5.47 -12.89
CA LEU A 215 -7.48 5.83 -11.48
C LEU A 215 -6.13 6.32 -10.99
N GLN A 216 -5.03 5.71 -11.50
CA GLN A 216 -3.70 6.15 -11.10
C GLN A 216 -3.49 7.61 -11.45
N MET A 217 -3.80 7.97 -12.70
CA MET A 217 -3.65 9.35 -13.11
C MET A 217 -4.47 10.28 -12.23
N HIS A 218 -5.70 9.89 -11.91
CA HIS A 218 -6.52 10.71 -11.03
C HIS A 218 -5.84 10.91 -9.66
N GLN A 219 -5.38 9.79 -9.06
CA GLN A 219 -4.83 9.87 -7.71
C GLN A 219 -3.48 10.53 -7.67
N LEU A 220 -2.74 10.51 -8.77
CA LEU A 220 -1.48 11.25 -8.84
C LEU A 220 -1.74 12.72 -8.87
N MET A 221 -2.96 13.14 -9.08
CA MET A 221 -3.23 14.53 -8.95
C MET A 221 -3.72 14.94 -7.57
N TYR A 222 -3.79 14.08 -6.60
CA TYR A 222 -4.11 14.54 -5.24
C TYR A 222 -3.05 15.56 -4.79
N SER A 223 -3.47 16.56 -4.02
CA SER A 223 -2.56 17.55 -3.44
C SER A 223 -1.70 17.00 -2.28
N ARG A 224 -0.41 17.30 -2.33
CA ARG A 224 0.51 17.04 -1.22
C ARG A 224 -0.05 17.57 0.09
N ASP A 225 -0.71 18.72 0.05
CA ASP A 225 -1.19 19.32 1.28
C ASP A 225 -2.37 18.54 1.84
N VAL A 226 -3.12 17.84 0.99
CA VAL A 226 -4.30 17.12 1.45
C VAL A 226 -3.91 15.76 2.03
N VAL A 227 -2.94 15.13 1.43
CA VAL A 227 -2.55 13.81 1.93
C VAL A 227 -1.59 13.88 3.13
N LEU A 228 -0.99 15.04 3.40
CA LEU A 228 -0.10 15.17 4.57
C LEU A 228 -0.85 14.83 5.85
N PRO A 229 -0.26 14.00 6.73
CA PRO A 229 -0.84 13.77 8.05
C PRO A 229 -0.99 15.11 8.75
N GLN A 230 -1.94 15.16 9.62
CA GLN A 230 -2.09 16.30 10.52
C GLN A 230 -2.01 15.98 12.02
N ARG A 231 -2.75 14.99 12.48
CA ARG A 231 -2.93 14.69 13.91
C ARG A 231 -1.96 13.59 14.33
N LYS A 232 -1.73 13.48 15.62
CA LYS A 232 -0.89 12.40 16.10
C LYS A 232 -1.69 11.11 16.23
N LEU A 233 -1.10 10.03 15.83
CA LEU A 233 -1.78 8.72 15.81
C LEU A 233 -1.38 8.01 17.07
N ASP A 234 -2.37 7.44 17.75
CA ASP A 234 -2.17 6.84 19.05
C ASP A 234 -1.73 5.35 19.03
N ILE A 235 -1.34 4.80 17.89
CA ILE A 235 -0.78 3.46 17.84
C ILE A 235 0.67 3.55 17.37
N PRO A 236 1.50 2.53 17.62
CA PRO A 236 2.90 2.56 17.13
C PRO A 236 2.99 2.67 15.62
N ILE A 237 4.01 3.40 15.15
CA ILE A 237 4.31 3.54 13.72
C ILE A 237 5.66 2.90 13.45
N HIS A 238 5.73 2.02 12.44
CA HIS A 238 6.97 1.42 11.98
C HIS A 238 7.22 1.85 10.56
N VAL A 239 8.36 2.49 10.33
CA VAL A 239 8.71 3.10 9.07
C VAL A 239 9.89 2.29 8.52
N PHE A 240 9.69 1.71 7.35
CA PHE A 240 10.72 0.93 6.67
C PHE A 240 11.18 1.76 5.49
N ARG A 241 12.45 2.19 5.49
CA ARG A 241 12.90 3.11 4.47
C ARG A 241 14.16 2.63 3.75
N THR A 242 14.15 2.79 2.43
CA THR A 242 15.32 2.50 1.62
C THR A 242 16.35 3.62 1.80
N LYS A 243 17.57 3.39 1.31
CA LYS A 243 18.72 4.18 1.69
C LYS A 243 19.40 4.86 0.50
N ASN A 244 18.75 4.93 -0.66
CA ASN A 244 19.27 5.62 -1.83
C ASN A 244 18.35 6.72 -2.33
N HIS A 245 17.56 7.33 -1.43
CA HIS A 245 16.81 8.51 -1.83
C HIS A 245 17.74 9.71 -2.01
N ALA A 246 17.36 10.65 -2.86
CA ALA A 246 18.09 11.92 -2.82
C ALA A 246 18.01 12.55 -1.42
N PRO A 247 19.04 13.32 -1.01
CA PRO A 247 19.10 13.83 0.38
C PRO A 247 17.90 14.68 0.78
N GLU A 248 17.31 15.41 -0.18
CA GLU A 248 16.19 16.28 0.06
C GLU A 248 14.93 15.48 0.35
N VAL A 249 14.90 14.22 -0.06
CA VAL A 249 13.86 13.28 0.33
C VAL A 249 14.24 12.55 1.59
N ALA A 250 15.49 12.09 1.66
CA ALA A 250 15.94 11.31 2.81
C ALA A 250 15.69 12.07 4.11
N ARG A 251 15.90 13.37 4.11
CA ARG A 251 15.72 14.10 5.34
C ARG A 251 14.27 14.33 5.74
N LEU A 252 13.32 13.88 4.93
CA LEU A 252 11.92 14.06 5.29
C LEU A 252 11.34 12.88 6.06
N PHE A 253 12.01 11.71 6.10
CA PHE A 253 11.43 10.55 6.78
C PHE A 253 11.22 10.78 8.28
N SER A 254 12.13 11.50 8.94
CA SER A 254 12.04 11.64 10.38
C SER A 254 10.79 12.32 10.80
N ALA A 255 10.18 13.07 9.90
CA ALA A 255 8.95 13.75 10.29
C ALA A 255 7.77 12.83 10.59
N TRP A 256 7.86 11.51 10.36
CA TRP A 256 6.80 10.61 10.88
C TRP A 256 6.66 10.76 12.38
N GLU A 257 7.73 11.15 13.05
CA GLU A 257 7.62 11.37 14.47
C GLU A 257 6.69 12.52 14.83
N ASN A 258 6.48 13.46 13.93
CA ASN A 258 5.52 14.52 14.23
C ASN A 258 4.12 13.97 14.46
N TYR A 259 3.83 12.83 13.90
CA TYR A 259 2.45 12.28 13.79
C TYR A 259 2.28 11.01 14.66
N ALA A 260 3.20 10.79 15.58
CA ALA A 260 3.25 9.60 16.43
C ALA A 260 3.00 10.03 17.86
N ALA A 261 1.83 9.68 18.41
CA ALA A 261 1.63 9.98 19.83
C ALA A 261 2.43 9.05 20.72
N GLY A 262 2.76 7.86 20.23
CA GLY A 262 3.55 6.95 20.99
C GLY A 262 4.83 6.60 20.27
N GLU A 263 5.08 5.30 20.14
CA GLU A 263 6.35 4.83 19.64
C GLU A 263 6.40 5.08 18.13
N VAL A 264 7.60 5.34 17.61
CA VAL A 264 7.87 5.36 16.17
C VAL A 264 9.22 4.75 15.98
N THR A 265 9.34 3.82 15.04
CA THR A 265 10.56 3.06 14.83
C THR A 265 10.93 3.18 13.36
N PHE A 266 12.22 3.37 13.10
CA PHE A 266 12.73 3.41 11.73
C PHE A 266 13.62 2.22 11.51
N VAL A 267 13.46 1.59 10.36
CA VAL A 267 14.22 0.40 9.97
C VAL A 267 14.69 0.57 8.53
N ASP A 268 16.01 0.40 8.31
CA ASP A 268 16.55 0.50 6.96
C ASP A 268 16.31 -0.79 6.18
N ILE A 269 15.94 -0.65 4.91
CA ILE A 269 15.69 -1.81 4.05
C ILE A 269 16.43 -1.65 2.72
N PRO A 270 16.64 -2.75 2.00
CA PRO A 270 17.39 -2.69 0.75
C PRO A 270 16.49 -2.29 -0.41
N GLY A 271 17.13 -2.07 -1.54
CA GLY A 271 16.43 -1.69 -2.74
C GLY A 271 16.30 -0.17 -2.84
N ASP A 272 15.42 0.24 -3.75
CA ASP A 272 14.94 1.61 -3.81
C ASP A 272 13.42 1.60 -3.86
N HIS A 273 12.86 2.81 -3.96
CA HIS A 273 11.42 2.97 -3.76
C HIS A 273 10.64 2.03 -4.67
N ALA A 274 11.09 1.88 -5.91
CA ALA A 274 10.39 1.11 -6.93
C ALA A 274 10.75 -0.37 -6.95
N THR A 275 11.91 -0.74 -6.46
CA THR A 275 12.34 -2.14 -6.52
C THR A 275 12.19 -2.88 -5.20
N MET A 276 11.86 -2.16 -4.09
CA MET A 276 11.86 -2.81 -2.78
C MET A 276 10.76 -3.85 -2.70
N LEU A 277 9.71 -3.75 -3.51
CA LEU A 277 8.61 -4.70 -3.41
C LEU A 277 8.71 -5.87 -4.39
N ARG A 278 9.82 -5.97 -5.13
CA ARG A 278 10.09 -7.01 -6.11
C ARG A 278 11.34 -7.78 -5.71
N ALA A 279 11.51 -8.97 -6.30
CA ALA A 279 12.73 -9.73 -6.02
C ALA A 279 13.98 -8.99 -6.54
N PRO A 280 15.13 -9.16 -5.88
CA PRO A 280 15.45 -9.94 -4.69
C PRO A 280 15.30 -9.17 -3.43
N HIS A 281 14.94 -7.87 -3.52
CA HIS A 281 14.90 -7.07 -2.30
C HIS A 281 13.71 -7.39 -1.40
N VAL A 282 12.59 -7.79 -1.99
CA VAL A 282 11.35 -7.95 -1.22
C VAL A 282 11.52 -9.05 -0.19
N SER A 283 12.35 -10.06 -0.47
CA SER A 283 12.45 -11.08 0.56
C SER A 283 13.17 -10.54 1.81
N GLU A 284 14.12 -9.63 1.64
CA GLU A 284 14.75 -9.04 2.82
C GLU A 284 13.82 -8.04 3.50
N VAL A 285 12.98 -7.34 2.76
CA VAL A 285 11.96 -6.48 3.38
C VAL A 285 11.03 -7.33 4.23
N ALA A 286 10.58 -8.45 3.67
CA ALA A 286 9.69 -9.33 4.41
C ALA A 286 10.36 -9.86 5.67
N GLN A 287 11.64 -10.22 5.59
CA GLN A 287 12.31 -10.75 6.77
C GLN A 287 12.42 -9.67 7.86
N LEU A 288 12.58 -8.41 7.46
CA LEU A 288 12.65 -7.31 8.42
C LEU A 288 11.27 -6.99 8.99
N LEU A 289 10.21 -7.05 8.17
CA LEU A 289 8.86 -6.93 8.74
C LEU A 289 8.61 -8.03 9.77
N ASP A 290 8.95 -9.29 9.41
CA ASP A 290 8.77 -10.40 10.32
C ASP A 290 9.48 -10.12 11.64
N ARG A 291 10.77 -9.76 11.55
CA ARG A 291 11.58 -9.50 12.75
C ARG A 291 10.96 -8.42 13.65
N HIS A 292 10.57 -7.29 13.06
CA HIS A 292 10.18 -6.12 13.84
C HIS A 292 8.71 -6.10 14.21
N CYS A 293 7.84 -6.65 13.36
CA CYS A 293 6.40 -6.53 13.55
C CYS A 293 5.70 -7.87 13.67
N GLY A 294 6.33 -8.95 13.25
CA GLY A 294 5.64 -10.21 13.13
C GLY A 294 5.87 -11.10 14.37
N LEU A 295 5.34 -12.31 14.28
CA LEU A 295 5.45 -13.25 15.38
C LEU A 295 6.88 -13.76 15.46
N PRO A 296 7.57 -13.61 16.61
CA PRO A 296 8.90 -14.22 16.77
C PRO A 296 8.85 -15.73 17.08
C 2OP B 3 3.97 8.92 -5.62
O 2OP B 3 2.80 9.27 -5.41
CB 2OP B 3 5.60 10.46 -6.77
OHN 2OP B 3 6.23 9.22 -4.84
CA 2OP B 3 5.11 9.90 -5.44
HB1 2OP B 3 5.91 9.67 -7.39
HB2 2OP B 3 6.41 11.12 -6.61
HB3 2OP B 3 4.81 10.98 -7.25
HA 2OP B 3 4.74 10.73 -4.82
N VAL B 4 4.29 7.69 -6.02
CA VAL B 4 3.24 6.74 -6.37
C VAL B 4 2.75 6.06 -5.12
#